data_7U5O
#
_entry.id   7U5O
#
_cell.length_a   80.960
_cell.length_b   115.460
_cell.length_c   110.160
_cell.angle_alpha   90.000
_cell.angle_beta   100.920
_cell.angle_gamma   90.000
#
_symmetry.space_group_name_H-M   'C 1 2 1'
#
loop_
_entity.id
_entity.type
_entity.pdbx_description
1 polymer 'Inhibin beta B chain'
2 polymer 'Bone morphogenetic protein receptor type-2'
#
loop_
_entity_poly.entity_id
_entity_poly.type
_entity_poly.pdbx_seq_one_letter_code
_entity_poly.pdbx_strand_id
1 'polypeptide(L)'
;GLECDGRTNLCCRQQFFIDFRLIGWNDWIIAPTGYYGNYCEGSCPAYLAGVPGSASSFHTAVVNQYRMRGLNPGTVNSCC
IPTKLSTMSMLYFDDEYNIVKRDVPNMIVEECGCA
;
A,B,C
2 'polypeptide(L)'
;SQNQERLCAFKDPYQQDLGIGESRISHENGTILCSKGSTCYGLWEKSKGDINLVKQGCWSHIGDPQECHYEECVVTTTPP
SIQNGTYRFCCCSTDLCNVNFTENFPPPDTT
;
E,F,G
#
# COMPACT_ATOMS: atom_id res chain seq x y z
N GLY A 1 -2.89 -19.38 -20.77
CA GLY A 1 -2.91 -18.98 -19.37
C GLY A 1 -3.87 -17.84 -19.10
N LEU A 2 -4.25 -17.70 -17.84
CA LEU A 2 -5.16 -16.66 -17.42
C LEU A 2 -4.40 -15.39 -17.04
N GLU A 3 -5.00 -14.27 -17.39
CA GLU A 3 -4.60 -12.94 -16.94
C GLU A 3 -5.54 -12.50 -15.82
N CYS A 4 -4.98 -11.99 -14.72
CA CYS A 4 -5.83 -11.58 -13.61
C CYS A 4 -6.62 -10.34 -13.98
N ASP A 5 -7.94 -10.44 -13.92
CA ASP A 5 -8.82 -9.31 -14.18
C ASP A 5 -9.43 -8.75 -12.91
N GLY A 6 -9.04 -9.27 -11.75
CA GLY A 6 -9.63 -8.87 -10.49
C GLY A 6 -10.97 -9.49 -10.18
N ARG A 7 -11.55 -10.24 -11.12
CA ARG A 7 -12.80 -10.95 -10.91
C ARG A 7 -12.59 -12.40 -10.52
N THR A 8 -11.87 -13.16 -11.35
CA THR A 8 -11.67 -14.59 -11.08
C THR A 8 -10.57 -14.79 -10.05
N ASN A 9 -10.75 -15.81 -9.20
CA ASN A 9 -9.74 -16.23 -8.24
C ASN A 9 -8.99 -17.47 -8.71
N LEU A 10 -9.02 -17.76 -10.01
CA LEU A 10 -8.27 -18.86 -10.57
C LEU A 10 -6.82 -18.42 -10.80
N CYS A 11 -5.94 -19.42 -10.95
CA CYS A 11 -4.53 -19.14 -11.19
C CYS A 11 -4.36 -18.23 -12.41
N CYS A 12 -3.95 -16.99 -12.18
CA CYS A 12 -3.89 -15.99 -13.24
C CYS A 12 -2.63 -15.16 -13.05
N ARG A 13 -2.26 -14.42 -14.08
CA ARG A 13 -1.10 -13.55 -14.07
C ARG A 13 -1.57 -12.11 -13.79
N GLN A 14 -1.18 -11.58 -12.63
CA GLN A 14 -1.53 -10.22 -12.21
C GLN A 14 -0.40 -9.26 -12.57
N GLN A 15 -0.75 -8.15 -13.20
CA GLN A 15 0.24 -7.13 -13.52
C GLN A 15 0.69 -6.41 -12.26
N PHE A 16 2.01 -6.24 -12.13
CA PHE A 16 2.61 -5.63 -10.94
C PHE A 16 3.79 -4.76 -11.37
N PHE A 17 3.68 -3.47 -11.13
CA PHE A 17 4.76 -2.53 -11.46
C PHE A 17 5.68 -2.36 -10.26
N ILE A 18 6.97 -2.55 -10.49
CA ILE A 18 8.00 -2.31 -9.48
C ILE A 18 8.61 -0.93 -9.76
N ASP A 19 8.31 0.02 -8.89
CA ASP A 19 8.83 1.39 -9.03
C ASP A 19 10.14 1.51 -8.25
N PHE A 20 11.22 1.77 -8.97
CA PHE A 20 12.50 2.03 -8.31
C PHE A 20 12.48 3.35 -7.55
N ARG A 21 11.49 4.20 -7.85
CA ARG A 21 11.34 5.46 -7.12
C ARG A 21 10.85 5.22 -5.70
N LEU A 22 9.89 4.32 -5.52
CA LEU A 22 9.34 4.06 -4.20
C LEU A 22 10.36 3.38 -3.28
N ILE A 23 11.20 2.51 -3.83
CA ILE A 23 12.17 1.77 -3.04
C ILE A 23 13.50 2.52 -2.98
N GLY A 24 13.53 3.72 -3.54
CA GLY A 24 14.71 4.56 -3.43
C GLY A 24 15.92 4.06 -4.18
N TRP A 25 15.73 3.40 -5.32
CA TRP A 25 16.83 2.83 -6.09
C TRP A 25 17.13 3.59 -7.37
N ASN A 26 16.43 4.70 -7.63
CA ASN A 26 16.66 5.47 -8.84
C ASN A 26 17.99 6.21 -8.82
N ASP A 27 18.77 6.10 -7.73
CA ASP A 27 20.08 6.74 -7.68
C ASP A 27 21.17 5.90 -8.33
N TRP A 28 21.04 4.57 -8.31
CA TRP A 28 22.04 3.71 -8.91
C TRP A 28 21.57 3.00 -10.18
N ILE A 29 20.26 2.86 -10.38
CA ILE A 29 19.70 2.35 -11.63
C ILE A 29 19.20 3.53 -12.45
N ILE A 30 19.84 3.77 -13.60
CA ILE A 30 19.43 4.89 -14.45
C ILE A 30 18.17 4.54 -15.22
N ALA A 31 18.07 3.30 -15.72
CA ALA A 31 16.94 2.89 -16.54
C ALA A 31 16.72 1.40 -16.38
N PRO A 32 15.46 0.93 -16.42
CA PRO A 32 14.28 1.79 -16.54
C PRO A 32 13.89 2.43 -15.21
N THR A 33 12.95 3.37 -15.24
CA THR A 33 12.41 3.91 -14.00
C THR A 33 11.64 2.84 -13.24
N GLY A 34 11.15 1.82 -13.94
CA GLY A 34 10.44 0.73 -13.32
C GLY A 34 10.01 -0.25 -14.38
N TYR A 35 9.37 -1.33 -13.94
CA TYR A 35 8.97 -2.37 -14.87
C TYR A 35 7.81 -3.17 -14.30
N TYR A 36 7.03 -3.77 -15.20
CA TYR A 36 5.90 -4.61 -14.84
C TYR A 36 6.41 -6.03 -14.61
N GLY A 37 6.93 -6.26 -13.40
CA GLY A 37 7.42 -7.58 -13.04
C GLY A 37 6.33 -8.63 -12.99
N ASN A 38 5.12 -8.24 -12.57
CA ASN A 38 3.96 -9.13 -12.48
C ASN A 38 4.18 -10.28 -11.50
N TYR A 39 3.13 -11.04 -11.22
CA TYR A 39 3.23 -12.20 -10.36
C TYR A 39 2.02 -13.11 -10.60
N CYS A 40 2.01 -14.24 -9.94
CA CYS A 40 0.99 -15.28 -10.12
C CYS A 40 0.13 -15.39 -8.86
N GLU A 41 -1.19 -15.44 -9.07
CA GLU A 41 -2.15 -15.58 -7.99
C GLU A 41 -3.33 -16.39 -8.51
N GLY A 42 -4.01 -17.09 -7.60
CA GLY A 42 -5.17 -17.87 -7.95
C GLY A 42 -5.09 -19.31 -7.49
N SER A 43 -6.17 -20.04 -7.74
CA SER A 43 -6.37 -21.40 -7.28
C SER A 43 -6.03 -22.42 -8.36
N CYS A 44 -5.60 -23.60 -7.93
CA CYS A 44 -5.25 -24.69 -8.83
C CYS A 44 -5.91 -26.00 -8.40
N PRO A 45 -6.12 -26.92 -9.35
CA PRO A 45 -6.59 -28.27 -9.00
C PRO A 45 -5.58 -29.05 -8.17
N ALA A 46 -6.02 -30.22 -7.70
CA ALA A 46 -5.25 -31.05 -6.78
C ALA A 46 -4.05 -31.78 -7.41
N TYR A 47 -3.71 -31.56 -8.68
CA TYR A 47 -2.52 -32.19 -9.27
C TYR A 47 -2.64 -33.73 -9.31
N PRO A 52 -0.16 -37.62 -16.17
CA PRO A 52 -1.49 -38.17 -15.88
C PRO A 52 -2.19 -38.72 -17.12
N GLY A 53 -3.45 -39.13 -16.98
CA GLY A 53 -4.20 -39.59 -18.12
C GLY A 53 -5.33 -40.55 -17.82
N SER A 54 -4.98 -41.68 -17.20
CA SER A 54 -5.96 -42.75 -16.94
C SER A 54 -5.80 -43.29 -15.52
N ALA A 55 -4.56 -43.36 -15.05
CA ALA A 55 -4.29 -43.81 -13.69
C ALA A 55 -4.65 -42.74 -12.67
N SER A 56 -4.48 -41.47 -13.04
CA SER A 56 -4.86 -40.36 -12.16
C SER A 56 -6.36 -40.31 -11.95
N SER A 57 -7.16 -40.86 -12.87
CA SER A 57 -8.60 -40.94 -12.66
C SER A 57 -8.95 -42.00 -11.62
N PHE A 58 -8.12 -43.03 -11.49
CA PHE A 58 -8.32 -44.01 -10.42
C PHE A 58 -8.10 -43.37 -9.05
N HIS A 59 -7.00 -42.62 -8.91
CA HIS A 59 -6.76 -41.88 -7.68
C HIS A 59 -7.92 -40.94 -7.37
N THR A 60 -8.56 -40.41 -8.40
CA THR A 60 -9.76 -39.59 -8.24
C THR A 60 -10.86 -40.33 -7.47
N ALA A 61 -11.12 -41.57 -7.84
CA ALA A 61 -12.14 -42.36 -7.15
C ALA A 61 -11.76 -42.64 -5.70
N VAL A 62 -10.47 -42.93 -5.44
CA VAL A 62 -10.01 -43.17 -4.07
C VAL A 62 -10.19 -41.92 -3.21
N VAL A 63 -9.79 -40.76 -3.74
CA VAL A 63 -9.92 -39.52 -2.99
C VAL A 63 -11.38 -39.24 -2.66
N ASN A 64 -12.26 -39.41 -3.66
CA ASN A 64 -13.68 -39.12 -3.44
C ASN A 64 -14.29 -40.07 -2.42
N GLN A 65 -13.86 -41.34 -2.42
CA GLN A 65 -14.38 -42.29 -1.44
C GLN A 65 -13.92 -41.94 -0.02
N TYR A 66 -12.64 -41.60 0.14
CA TYR A 66 -12.14 -41.23 1.47
C TYR A 66 -12.80 -39.96 1.98
N ARG A 67 -12.96 -38.95 1.13
CA ARG A 67 -13.63 -37.72 1.57
C ARG A 67 -15.09 -37.98 1.89
N MET A 68 -15.75 -38.86 1.13
CA MET A 68 -17.16 -39.16 1.38
C MET A 68 -17.37 -39.74 2.78
N ARG A 69 -16.39 -40.49 3.29
CA ARG A 69 -16.50 -41.17 4.58
C ARG A 69 -15.96 -40.33 5.73
N GLY A 70 -15.67 -39.05 5.49
CA GLY A 70 -15.12 -38.19 6.52
C GLY A 70 -13.65 -38.35 6.76
N LEU A 71 -12.96 -39.15 5.98
CA LEU A 71 -11.50 -39.24 6.03
C LEU A 71 -10.90 -38.16 5.12
N ASN A 72 -9.59 -37.97 5.24
CA ASN A 72 -8.91 -36.99 4.41
C ASN A 72 -7.80 -37.65 3.60
N PRO A 73 -7.84 -37.56 2.26
CA PRO A 73 -6.76 -38.14 1.47
C PRO A 73 -5.63 -37.16 1.27
N GLY A 74 -4.68 -37.51 0.40
CA GLY A 74 -3.62 -36.62 -0.02
C GLY A 74 -4.09 -35.25 -0.46
N THR A 75 -4.04 -34.25 0.43
CA THR A 75 -4.44 -32.90 0.07
C THR A 75 -3.24 -32.15 -0.53
N VAL A 76 -2.70 -32.71 -1.59
CA VAL A 76 -1.56 -32.12 -2.30
C VAL A 76 -2.16 -31.28 -3.43
N ASN A 77 -2.47 -30.03 -3.13
CA ASN A 77 -3.06 -29.16 -4.14
C ASN A 77 -1.98 -28.55 -5.02
N SER A 78 -2.37 -28.12 -6.22
CA SER A 78 -1.36 -27.56 -7.08
C SER A 78 -1.11 -26.12 -6.68
N CYS A 79 -0.12 -25.53 -7.33
CA CYS A 79 0.35 -24.21 -6.97
C CYS A 79 0.29 -23.30 -8.20
N CYS A 80 -0.06 -22.04 -7.99
CA CYS A 80 -0.07 -21.06 -9.07
C CYS A 80 1.33 -20.46 -9.18
N ILE A 81 2.01 -20.76 -10.29
CA ILE A 81 3.43 -20.44 -10.43
C ILE A 81 3.71 -19.93 -11.83
N PRO A 82 4.77 -19.15 -12.00
CA PRO A 82 5.13 -18.68 -13.34
C PRO A 82 5.58 -19.82 -14.23
N THR A 83 5.03 -19.88 -15.44
CA THR A 83 5.41 -20.88 -16.43
C THR A 83 6.29 -20.32 -17.53
N LYS A 84 6.21 -19.02 -17.80
CA LYS A 84 7.01 -18.37 -18.83
C LYS A 84 7.62 -17.10 -18.25
N LEU A 85 8.93 -16.95 -18.41
CA LEU A 85 9.67 -15.81 -17.89
C LEU A 85 10.46 -15.17 -19.02
N SER A 86 10.55 -13.84 -18.99
CA SER A 86 11.32 -13.08 -19.95
C SER A 86 12.47 -12.38 -19.26
N THR A 87 13.48 -12.04 -20.03
CA THR A 87 14.61 -11.26 -19.53
C THR A 87 14.31 -9.77 -19.66
N MET A 88 15.00 -8.97 -18.85
CA MET A 88 14.80 -7.53 -18.85
C MET A 88 16.13 -6.82 -18.98
N SER A 89 16.18 -5.83 -19.87
CA SER A 89 17.35 -4.96 -19.99
C SER A 89 17.36 -3.96 -18.85
N MET A 90 18.54 -3.76 -18.28
CA MET A 90 18.70 -2.82 -17.17
C MET A 90 19.95 -2.00 -17.39
N LEU A 91 19.85 -0.71 -17.09
CA LEU A 91 20.96 0.23 -17.21
C LEU A 91 21.16 0.87 -15.84
N TYR A 92 22.32 0.63 -15.23
CA TYR A 92 22.50 0.97 -13.83
C TYR A 92 23.96 1.32 -13.56
N PHE A 93 24.20 1.87 -12.37
CA PHE A 93 25.54 2.19 -11.92
C PHE A 93 26.28 0.97 -11.39
N ASP A 94 27.55 0.86 -11.76
CA ASP A 94 28.46 -0.13 -11.22
C ASP A 94 29.02 0.37 -9.89
N ASP A 95 29.66 -0.53 -9.14
CA ASP A 95 30.16 -0.14 -7.82
C ASP A 95 31.31 0.85 -7.89
N GLU A 96 31.97 0.99 -9.04
CA GLU A 96 32.99 2.01 -9.23
C GLU A 96 32.50 3.19 -10.06
N TYR A 97 31.18 3.44 -10.08
CA TYR A 97 30.55 4.57 -10.76
C TYR A 97 30.66 4.49 -12.28
N ASN A 98 31.10 3.35 -12.82
CA ASN A 98 31.01 3.12 -14.26
C ASN A 98 29.59 2.74 -14.64
N ILE A 99 29.23 3.04 -15.88
CA ILE A 99 27.88 2.78 -16.39
C ILE A 99 27.87 1.40 -17.04
N VAL A 100 27.11 0.48 -16.45
CA VAL A 100 27.02 -0.91 -16.90
C VAL A 100 25.60 -1.20 -17.34
N LYS A 101 25.45 -1.72 -18.56
CA LYS A 101 24.18 -2.24 -19.05
C LYS A 101 24.21 -3.77 -19.03
N ARG A 102 23.23 -4.38 -18.36
CA ARG A 102 23.16 -5.83 -18.29
C ARG A 102 21.72 -6.29 -18.49
N ASP A 103 21.53 -7.29 -19.34
CA ASP A 103 20.23 -7.92 -19.54
C ASP A 103 20.04 -8.98 -18.46
N VAL A 104 19.24 -8.66 -17.45
CA VAL A 104 19.04 -9.53 -16.30
C VAL A 104 17.94 -10.53 -16.64
N PRO A 105 18.20 -11.83 -16.59
CA PRO A 105 17.20 -12.81 -17.04
C PRO A 105 16.13 -13.08 -15.99
N ASN A 106 15.03 -13.68 -16.48
CA ASN A 106 13.98 -14.23 -15.61
C ASN A 106 13.37 -13.16 -14.72
N MET A 107 13.19 -11.96 -15.26
CA MET A 107 12.73 -10.83 -14.46
C MET A 107 11.24 -10.59 -14.55
N ILE A 108 10.62 -10.84 -15.70
CA ILE A 108 9.20 -10.54 -15.91
C ILE A 108 8.44 -11.85 -16.08
N VAL A 109 7.40 -12.03 -15.27
CA VAL A 109 6.50 -13.17 -15.43
C VAL A 109 5.53 -12.83 -16.54
N GLU A 110 5.48 -13.66 -17.58
CA GLU A 110 4.58 -13.43 -18.69
C GLU A 110 3.38 -14.38 -18.71
N GLU A 111 3.53 -15.61 -18.25
CA GLU A 111 2.40 -16.52 -18.09
C GLU A 111 2.48 -17.22 -16.74
N CYS A 112 1.31 -17.54 -16.20
CA CYS A 112 1.19 -18.36 -15.00
C CYS A 112 0.47 -19.65 -15.33
N GLY A 113 0.66 -20.64 -14.47
CA GLY A 113 0.01 -21.92 -14.63
C GLY A 113 0.13 -22.74 -13.37
N CYS A 114 -0.58 -23.86 -13.36
CA CYS A 114 -0.60 -24.74 -12.20
C CYS A 114 0.51 -25.78 -12.27
N ALA A 115 1.14 -26.02 -11.12
CA ALA A 115 2.22 -27.00 -11.02
C ALA A 115 1.66 -28.42 -11.08
N GLY B 1 17.09 -15.24 16.60
CA GLY B 1 15.93 -15.15 15.73
C GLY B 1 16.28 -14.92 14.27
N LEU B 2 15.33 -15.24 13.40
CA LEU B 2 15.53 -15.05 11.97
C LEU B 2 15.08 -13.66 11.54
N GLU B 3 15.79 -13.09 10.57
CA GLU B 3 15.37 -11.87 9.89
C GLU B 3 14.73 -12.24 8.57
N CYS B 4 13.60 -11.61 8.25
CA CYS B 4 12.93 -11.91 6.98
C CYS B 4 13.76 -11.34 5.85
N ASP B 5 14.20 -12.22 4.95
CA ASP B 5 14.94 -11.80 3.77
C ASP B 5 14.10 -11.88 2.49
N GLY B 6 12.83 -12.24 2.59
CA GLY B 6 12.01 -12.43 1.41
C GLY B 6 12.19 -13.75 0.71
N ARG B 7 13.14 -14.57 1.15
CA ARG B 7 13.35 -15.91 0.61
C ARG B 7 12.67 -16.98 1.47
N THR B 8 12.99 -17.02 2.76
CA THR B 8 12.48 -18.05 3.65
C THR B 8 11.06 -17.77 4.10
N ASN B 9 10.28 -18.84 4.27
CA ASN B 9 8.94 -18.77 4.84
C ASN B 9 8.94 -19.20 6.31
N LEU B 10 10.10 -19.20 6.95
CA LEU B 10 10.20 -19.51 8.37
C LEU B 10 9.89 -18.27 9.22
N CYS B 11 9.59 -18.52 10.49
CA CYS B 11 9.32 -17.45 11.45
C CYS B 11 10.49 -16.48 11.48
N CYS B 12 10.30 -15.27 11.00
CA CYS B 12 11.39 -14.32 10.85
C CYS B 12 10.94 -12.92 11.24
N ARG B 13 11.92 -12.05 11.40
CA ARG B 13 11.74 -10.65 11.75
C ARG B 13 11.77 -9.81 10.48
N GLN B 14 10.62 -9.26 10.11
CA GLN B 14 10.52 -8.41 8.92
C GLN B 14 10.63 -6.95 9.33
N GLN B 15 11.54 -6.23 8.67
CA GLN B 15 11.67 -4.80 8.94
C GLN B 15 10.48 -4.07 8.35
N PHE B 16 9.89 -3.17 9.15
CA PHE B 16 8.69 -2.45 8.75
C PHE B 16 8.76 -1.03 9.28
N PHE B 17 8.79 -0.06 8.37
CA PHE B 17 8.81 1.34 8.75
C PHE B 17 7.40 1.90 8.85
N ILE B 18 7.08 2.50 9.99
CA ILE B 18 5.81 3.19 10.19
C ILE B 18 6.05 4.67 10.00
N ASP B 19 5.54 5.22 8.90
CA ASP B 19 5.67 6.63 8.61
C ASP B 19 4.45 7.37 9.17
N PHE B 20 4.68 8.25 10.15
CA PHE B 20 3.58 9.05 10.68
C PHE B 20 3.09 10.07 9.66
N ARG B 21 3.89 10.34 8.62
CA ARG B 21 3.46 11.25 7.57
C ARG B 21 2.38 10.64 6.69
N LEU B 22 2.47 9.34 6.40
CA LEU B 22 1.48 8.72 5.53
C LEU B 22 0.11 8.65 6.20
N ILE B 23 0.07 8.43 7.51
CA ILE B 23 -1.19 8.30 8.23
C ILE B 23 -1.60 9.63 8.87
N GLY B 24 -0.86 10.70 8.56
CA GLY B 24 -1.26 12.01 9.00
C GLY B 24 -1.14 12.27 10.48
N TRP B 25 -0.13 11.68 11.14
CA TRP B 25 0.06 11.83 12.58
C TRP B 25 1.23 12.74 12.94
N ASN B 26 1.90 13.33 11.95
CA ASN B 26 3.04 14.20 12.22
C ASN B 26 2.64 15.53 12.85
N ASP B 27 1.34 15.82 13.01
CA ASP B 27 0.92 17.06 13.65
C ASP B 27 0.88 16.96 15.15
N TRP B 28 0.60 15.77 15.71
CA TRP B 28 0.55 15.60 17.15
C TRP B 28 1.71 14.77 17.69
N ILE B 29 2.38 13.99 16.85
CA ILE B 29 3.65 13.36 17.21
C ILE B 29 4.75 14.20 16.61
N ILE B 30 5.52 14.89 17.46
CA ILE B 30 6.59 15.75 16.98
C ILE B 30 7.80 14.92 16.56
N ALA B 31 8.16 13.91 17.35
CA ALA B 31 9.32 13.10 17.09
C ALA B 31 9.09 11.71 17.68
N PRO B 32 9.60 10.65 17.02
CA PRO B 32 10.28 10.74 15.73
C PRO B 32 9.31 10.87 14.57
N THR B 33 9.84 11.16 13.37
CA THR B 33 9.00 11.16 12.18
C THR B 33 8.47 9.77 11.86
N GLY B 34 9.16 8.73 12.31
CA GLY B 34 8.73 7.36 12.09
C GLY B 34 9.71 6.42 12.76
N TYR B 35 9.38 5.13 12.68
CA TYR B 35 10.21 4.14 13.35
C TYR B 35 10.03 2.78 12.70
N TYR B 36 11.06 1.95 12.83
CA TYR B 36 11.03 0.58 12.31
C TYR B 36 10.41 -0.31 13.37
N GLY B 37 9.07 -0.30 13.42
CA GLY B 37 8.37 -1.14 14.35
C GLY B 37 8.57 -2.62 14.09
N ASN B 38 8.70 -2.99 12.81
CA ASN B 38 8.93 -4.37 12.39
C ASN B 38 7.76 -5.27 12.78
N TYR B 39 7.79 -6.51 12.29
CA TYR B 39 6.77 -7.49 12.66
C TYR B 39 7.30 -8.88 12.38
N CYS B 40 6.52 -9.88 12.76
CA CYS B 40 6.89 -11.28 12.66
C CYS B 40 6.00 -11.98 11.66
N GLU B 41 6.61 -12.75 10.76
CA GLU B 41 5.88 -13.55 9.79
C GLU B 41 6.69 -14.81 9.50
N GLY B 42 5.99 -15.86 9.10
CA GLY B 42 6.60 -17.13 8.76
C GLY B 42 5.95 -18.28 9.49
N SER B 43 6.41 -19.48 9.15
CA SER B 43 5.82 -20.71 9.64
C SER B 43 6.63 -21.25 10.82
N CYS B 44 5.94 -21.99 11.68
CA CYS B 44 6.51 -22.62 12.86
C CYS B 44 6.15 -24.10 12.86
N PRO B 45 6.97 -24.93 13.50
CA PRO B 45 6.59 -26.34 13.65
C PRO B 45 5.33 -26.47 14.51
N ALA B 46 4.77 -27.67 14.49
CA ALA B 46 3.55 -27.93 15.24
C ALA B 46 3.86 -28.02 16.73
N TYR B 47 3.02 -27.39 17.54
CA TYR B 47 3.20 -27.44 18.99
C TYR B 47 1.95 -26.93 19.70
N SER B 54 8.63 -38.44 25.89
CA SER B 54 8.04 -37.27 26.53
C SER B 54 6.56 -37.15 26.18
N ALA B 55 5.93 -36.06 26.61
CA ALA B 55 4.53 -35.84 26.28
C ALA B 55 4.37 -35.38 24.83
N SER B 56 5.24 -34.46 24.39
CA SER B 56 5.21 -34.05 22.99
C SER B 56 5.76 -35.12 22.08
N SER B 57 6.66 -35.98 22.59
CA SER B 57 7.20 -37.06 21.77
C SER B 57 6.21 -38.21 21.63
N PHE B 58 5.44 -38.49 22.67
CA PHE B 58 4.38 -39.51 22.57
C PHE B 58 3.26 -39.04 21.66
N HIS B 59 2.79 -37.80 21.90
CA HIS B 59 1.74 -37.22 21.06
C HIS B 59 2.14 -37.22 19.59
N THR B 60 3.44 -37.04 19.31
CA THR B 60 3.93 -37.11 17.95
C THR B 60 3.58 -38.46 17.31
N ALA B 61 3.81 -39.55 18.03
CA ALA B 61 3.48 -40.88 17.51
C ALA B 61 1.98 -41.02 17.29
N VAL B 62 1.17 -40.49 18.20
CA VAL B 62 -0.28 -40.54 18.03
C VAL B 62 -0.70 -39.74 16.81
N VAL B 63 -0.14 -38.53 16.67
CA VAL B 63 -0.44 -37.69 15.51
C VAL B 63 -0.03 -38.39 14.22
N ASN B 64 1.19 -38.95 14.21
CA ASN B 64 1.67 -39.59 13.00
C ASN B 64 0.86 -40.84 12.67
N GLN B 65 0.43 -41.58 13.70
CA GLN B 65 -0.42 -42.75 13.49
C GLN B 65 -1.80 -42.34 12.98
N TYR B 66 -2.40 -41.31 13.58
CA TYR B 66 -3.71 -40.85 13.12
C TYR B 66 -3.64 -40.28 11.71
N ARG B 67 -2.59 -39.53 11.40
CA ARG B 67 -2.44 -39.00 10.05
C ARG B 67 -2.24 -40.09 9.02
N MET B 68 -1.56 -41.18 9.38
CA MET B 68 -1.35 -42.27 8.42
C MET B 68 -2.66 -42.84 7.91
N ARG B 69 -3.69 -42.87 8.75
CA ARG B 69 -4.96 -43.51 8.43
C ARG B 69 -5.99 -42.55 7.83
N GLY B 70 -5.59 -41.32 7.50
CA GLY B 70 -6.52 -40.34 6.97
C GLY B 70 -7.39 -39.67 8.01
N LEU B 71 -7.16 -39.93 9.28
CA LEU B 71 -7.81 -39.17 10.34
C LEU B 71 -6.98 -37.93 10.63
N ASN B 72 -7.54 -37.01 11.40
CA ASN B 72 -6.81 -35.79 11.74
C ASN B 72 -6.66 -35.70 13.25
N PRO B 73 -5.45 -35.61 13.77
CA PRO B 73 -5.21 -35.53 15.21
C PRO B 73 -5.35 -34.11 15.73
N GLY B 74 -4.78 -33.85 16.90
CA GLY B 74 -4.78 -32.52 17.49
C GLY B 74 -4.58 -31.35 16.56
N THR B 75 -3.59 -31.42 15.68
CA THR B 75 -3.30 -30.38 14.69
C THR B 75 -3.25 -28.98 15.32
N VAL B 76 -2.45 -28.84 16.36
CA VAL B 76 -2.25 -27.56 17.04
C VAL B 76 -0.92 -26.99 16.55
N ASN B 77 -0.96 -26.22 15.46
CA ASN B 77 0.26 -25.63 14.95
C ASN B 77 0.57 -24.31 15.68
N SER B 78 1.85 -23.96 15.70
CA SER B 78 2.31 -22.76 16.39
C SER B 78 2.21 -21.53 15.49
N CYS B 79 2.45 -20.38 16.10
CA CYS B 79 2.41 -19.08 15.42
C CYS B 79 3.72 -18.34 15.65
N CYS B 80 4.10 -17.52 14.67
CA CYS B 80 5.28 -16.68 14.75
C CYS B 80 4.93 -15.36 15.45
N ILE B 81 5.49 -15.14 16.62
CA ILE B 81 5.13 -14.01 17.48
C ILE B 81 6.40 -13.38 18.06
N PRO B 82 6.33 -12.10 18.43
CA PRO B 82 7.51 -11.42 18.98
C PRO B 82 7.94 -12.00 20.33
N THR B 83 9.24 -12.25 20.46
CA THR B 83 9.82 -12.73 21.71
C THR B 83 10.63 -11.70 22.46
N LYS B 84 11.19 -10.70 21.77
CA LYS B 84 11.98 -9.66 22.39
C LYS B 84 11.55 -8.30 21.86
N LEU B 85 11.22 -7.39 22.78
CA LEU B 85 10.74 -6.06 22.42
C LEU B 85 11.56 -5.00 23.13
N SER B 86 11.79 -3.87 22.45
CA SER B 86 12.47 -2.73 23.01
C SER B 86 11.53 -1.54 23.11
N THR B 87 11.88 -0.59 23.97
CA THR B 87 11.13 0.63 24.14
C THR B 87 11.61 1.70 23.17
N MET B 88 10.73 2.65 22.88
CA MET B 88 11.02 3.76 21.97
C MET B 88 10.67 5.07 22.65
N SER B 89 11.58 6.04 22.57
CA SER B 89 11.29 7.39 23.04
C SER B 89 10.40 8.08 22.01
N MET B 90 9.36 8.76 22.50
CA MET B 90 8.43 9.46 21.63
C MET B 90 8.09 10.82 22.22
N LEU B 91 7.99 11.81 21.34
CA LEU B 91 7.67 13.19 21.70
C LEU B 91 6.42 13.59 20.94
N TYR B 92 5.35 13.90 21.68
CA TYR B 92 4.06 14.04 21.02
C TYR B 92 3.20 15.06 21.76
N PHE B 93 2.08 15.42 21.12
CA PHE B 93 1.11 16.34 21.70
C PHE B 93 0.18 15.63 22.69
N ASP B 94 -0.08 16.29 23.81
CA ASP B 94 -1.05 15.85 24.78
C ASP B 94 -2.44 16.35 24.37
N ASP B 95 -3.48 15.80 24.99
CA ASP B 95 -4.84 16.18 24.60
C ASP B 95 -5.19 17.62 25.00
N GLU B 96 -4.46 18.20 25.95
CA GLU B 96 -4.61 19.60 26.33
C GLU B 96 -3.50 20.49 25.78
N TYR B 97 -2.87 20.10 24.67
CA TYR B 97 -1.83 20.86 23.99
C TYR B 97 -0.54 20.98 24.78
N ASN B 98 -0.37 20.19 25.84
CA ASN B 98 0.93 20.13 26.47
C ASN B 98 1.88 19.29 25.63
N ILE B 99 3.17 19.63 25.70
CA ILE B 99 4.19 18.87 24.98
C ILE B 99 4.73 17.85 25.98
N VAL B 100 4.45 16.57 25.71
CA VAL B 100 4.78 15.49 26.61
C VAL B 100 5.76 14.56 25.92
N LYS B 101 6.85 14.23 26.63
CA LYS B 101 7.76 13.17 26.19
C LYS B 101 7.49 11.92 27.00
N ARG B 102 7.25 10.81 26.30
CA ARG B 102 6.95 9.54 26.95
C ARG B 102 7.75 8.43 26.26
N ASP B 103 8.44 7.62 27.06
CA ASP B 103 9.14 6.44 26.55
C ASP B 103 8.12 5.31 26.51
N VAL B 104 7.60 5.05 25.32
CA VAL B 104 6.52 4.08 25.13
C VAL B 104 7.13 2.69 24.98
N PRO B 105 6.79 1.74 25.83
CA PRO B 105 7.40 0.40 25.76
C PRO B 105 6.74 -0.44 24.67
N ASN B 106 7.42 -1.53 24.32
CA ASN B 106 6.87 -2.57 23.44
C ASN B 106 6.54 -2.01 22.05
N MET B 107 7.39 -1.12 21.55
CA MET B 107 7.16 -0.48 20.26
C MET B 107 7.91 -1.13 19.11
N ILE B 108 9.14 -1.61 19.36
CA ILE B 108 10.00 -2.16 18.32
C ILE B 108 10.23 -3.64 18.60
N VAL B 109 9.99 -4.46 17.58
CA VAL B 109 10.27 -5.89 17.67
C VAL B 109 11.75 -6.13 17.38
N GLU B 110 12.44 -6.79 18.30
CA GLU B 110 13.84 -7.15 18.11
C GLU B 110 14.06 -8.62 17.77
N GLU B 111 13.23 -9.53 18.28
CA GLU B 111 13.28 -10.93 17.90
C GLU B 111 11.89 -11.47 17.66
N CYS B 112 11.82 -12.47 16.79
CA CYS B 112 10.61 -13.26 16.59
C CYS B 112 10.88 -14.70 17.02
N GLY B 113 9.81 -15.41 17.34
CA GLY B 113 9.94 -16.80 17.73
C GLY B 113 8.61 -17.51 17.74
N CYS B 114 8.68 -18.82 17.90
CA CYS B 114 7.50 -19.66 17.89
C CYS B 114 6.92 -19.82 19.29
N ALA B 115 5.60 -19.75 19.39
CA ALA B 115 4.90 -19.93 20.65
C ALA B 115 4.90 -21.41 21.04
N GLY C 1 -23.87 -4.37 12.92
CA GLY C 1 -22.63 -4.90 12.37
C GLY C 1 -21.39 -4.41 13.09
N LEU C 2 -20.29 -5.15 12.94
CA LEU C 2 -19.03 -4.79 13.56
C LEU C 2 -18.20 -3.89 12.66
N GLU C 3 -17.52 -2.93 13.28
CA GLU C 3 -16.50 -2.12 12.62
C GLU C 3 -15.12 -2.63 13.00
N CYS C 4 -14.24 -2.76 12.00
CA CYS C 4 -12.89 -3.22 12.24
C CYS C 4 -12.10 -2.13 12.95
N ASP C 5 -11.59 -2.43 14.15
CA ASP C 5 -10.75 -1.50 14.88
C ASP C 5 -9.29 -1.91 14.89
N GLY C 6 -8.93 -2.97 14.17
CA GLY C 6 -7.59 -3.51 14.19
C GLY C 6 -7.26 -4.44 15.34
N ARG C 7 -8.17 -4.60 16.32
CA ARG C 7 -7.98 -5.57 17.38
C ARG C 7 -8.68 -6.89 17.07
N THR C 8 -9.99 -6.85 16.85
CA THR C 8 -10.75 -8.06 16.60
C THR C 8 -10.57 -8.52 15.15
N ASN C 9 -10.46 -9.83 14.97
CA ASN C 9 -10.42 -10.44 13.65
C ASN C 9 -11.74 -11.09 13.26
N LEU C 10 -12.84 -10.70 13.89
CA LEU C 10 -14.14 -11.20 13.49
C LEU C 10 -14.65 -10.42 12.29
N CYS C 11 -15.63 -11.00 11.60
CA CYS C 11 -16.20 -10.37 10.41
C CYS C 11 -16.67 -8.97 10.73
N CYS C 12 -15.95 -7.97 10.21
CA CYS C 12 -16.20 -6.57 10.52
C CYS C 12 -16.01 -5.76 9.25
N ARG C 13 -16.44 -4.51 9.29
CA ARG C 13 -16.34 -3.60 8.16
C ARG C 13 -15.08 -2.76 8.29
N GLN C 14 -14.13 -2.98 7.38
CA GLN C 14 -12.90 -2.22 7.36
C GLN C 14 -13.04 -1.04 6.41
N GLN C 15 -12.75 0.15 6.92
CA GLN C 15 -12.77 1.34 6.08
C GLN C 15 -11.58 1.35 5.14
N PHE C 16 -11.83 1.69 3.89
CA PHE C 16 -10.81 1.67 2.84
C PHE C 16 -11.01 2.88 1.95
N PHE C 17 -10.02 3.76 1.93
CA PHE C 17 -10.07 4.96 1.10
C PHE C 17 -9.47 4.66 -0.26
N ILE C 18 -10.22 4.96 -1.31
CA ILE C 18 -9.76 4.83 -2.69
C ILE C 18 -9.35 6.22 -3.16
N ASP C 19 -8.05 6.43 -3.31
CA ASP C 19 -7.52 7.71 -3.78
C ASP C 19 -7.38 7.64 -5.29
N PHE C 20 -8.15 8.48 -6.00
CA PHE C 20 -8.04 8.54 -7.44
C PHE C 20 -6.70 9.11 -7.90
N ARG C 21 -5.95 9.75 -7.01
CA ARG C 21 -4.63 10.25 -7.36
C ARG C 21 -3.63 9.10 -7.50
N LEU C 22 -3.71 8.11 -6.61
CA LEU C 22 -2.75 7.00 -6.65
C LEU C 22 -2.94 6.13 -7.88
N ILE C 23 -4.19 5.94 -8.30
CA ILE C 23 -4.49 5.06 -9.43
C ILE C 23 -4.52 5.86 -10.72
N GLY C 24 -4.14 7.14 -10.65
CA GLY C 24 -3.99 7.96 -11.84
C GLY C 24 -5.30 8.32 -12.51
N TRP C 25 -6.37 8.49 -11.73
CA TRP C 25 -7.68 8.82 -12.27
C TRP C 25 -8.10 10.25 -11.99
N ASN C 26 -7.22 11.06 -11.39
CA ASN C 26 -7.55 12.44 -11.06
C ASN C 26 -7.68 13.34 -12.30
N ASP C 27 -7.34 12.84 -13.48
CA ASP C 27 -7.50 13.64 -14.70
C ASP C 27 -8.87 13.46 -15.36
N TRP C 28 -9.53 12.32 -15.20
CA TRP C 28 -10.81 12.09 -15.85
C TRP C 28 -12.03 12.09 -14.94
N ILE C 29 -11.85 11.84 -13.64
CA ILE C 29 -12.92 12.02 -12.66
C ILE C 29 -12.69 13.34 -11.92
N ILE C 30 -13.62 14.28 -12.08
CA ILE C 30 -13.47 15.59 -11.46
C ILE C 30 -13.71 15.52 -9.96
N ALA C 31 -14.71 14.77 -9.53
CA ALA C 31 -15.07 14.68 -8.12
C ALA C 31 -15.70 13.32 -7.86
N PRO C 32 -15.52 12.75 -6.66
CA PRO C 32 -14.70 13.26 -5.55
C PRO C 32 -13.21 13.02 -5.71
N THR C 33 -12.41 13.61 -4.81
CA THR C 33 -10.98 13.31 -4.78
C THR C 33 -10.73 11.87 -4.40
N GLY C 34 -11.65 11.27 -3.66
CA GLY C 34 -11.57 9.88 -3.26
C GLY C 34 -12.77 9.55 -2.41
N TYR C 35 -12.86 8.29 -2.00
CA TYR C 35 -14.01 7.89 -1.21
C TYR C 35 -13.68 6.65 -0.39
N TYR C 36 -14.39 6.52 0.73
CA TYR C 36 -14.24 5.38 1.63
C TYR C 36 -15.16 4.25 1.15
N GLY C 37 -14.67 3.50 0.18
CA GLY C 37 -15.43 2.37 -0.32
C GLY C 37 -15.61 1.27 0.71
N ASN C 38 -14.61 1.09 1.59
CA ASN C 38 -14.62 0.10 2.66
C ASN C 38 -14.71 -1.32 2.13
N TYR C 39 -14.53 -2.31 3.01
CA TYR C 39 -14.67 -3.71 2.61
C TYR C 39 -14.87 -4.56 3.86
N CYS C 40 -15.08 -5.85 3.63
CA CYS C 40 -15.38 -6.81 4.68
C CYS C 40 -14.25 -7.81 4.81
N GLU C 41 -13.78 -8.04 6.04
CA GLU C 41 -12.76 -9.04 6.30
C GLU C 41 -12.96 -9.55 7.72
N GLY C 42 -12.52 -10.78 7.97
CA GLY C 42 -12.61 -11.40 9.27
C GLY C 42 -13.22 -12.79 9.18
N SER C 43 -13.28 -13.44 10.33
CA SER C 43 -13.68 -14.85 10.43
C SER C 43 -15.15 -14.97 10.79
N CYS C 44 -15.77 -16.05 10.35
CA CYS C 44 -17.17 -16.33 10.60
C CYS C 44 -17.38 -17.71 11.20
N PRO C 45 -18.46 -17.88 11.96
CA PRO C 45 -18.86 -19.23 12.38
C PRO C 45 -19.31 -20.05 11.18
N ALA C 46 -19.57 -21.34 11.43
CA ALA C 46 -19.95 -22.23 10.35
C ALA C 46 -21.33 -21.85 9.80
N TYR C 47 -21.54 -22.14 8.52
CA TYR C 47 -22.79 -21.83 7.85
C TYR C 47 -23.98 -22.49 8.53
N LEU C 48 -24.77 -21.71 9.24
CA LEU C 48 -26.00 -22.17 9.88
C LEU C 48 -27.17 -21.68 9.04
N ALA C 49 -27.78 -22.59 8.28
CA ALA C 49 -28.84 -22.24 7.35
C ALA C 49 -30.20 -22.33 8.03
N GLY C 50 -30.92 -21.21 8.06
CA GLY C 50 -32.22 -21.14 8.71
C GLY C 50 -32.12 -20.99 10.21
N VAL C 51 -31.06 -21.56 10.79
CA VAL C 51 -30.81 -21.61 12.23
C VAL C 51 -32.09 -21.95 12.99
N PRO C 52 -32.72 -23.10 12.74
CA PRO C 52 -33.83 -23.51 13.59
C PRO C 52 -33.32 -24.04 14.91
N GLY C 53 -34.11 -23.80 15.95
CA GLY C 53 -33.72 -24.14 17.33
C GLY C 53 -33.20 -25.55 17.53
N SER C 54 -33.51 -26.45 16.59
CA SER C 54 -33.08 -27.84 16.69
C SER C 54 -32.45 -28.40 15.43
N ALA C 55 -32.74 -27.87 14.25
CA ALA C 55 -32.12 -28.39 13.03
C ALA C 55 -30.68 -27.93 12.89
N SER C 56 -30.39 -26.65 13.18
CA SER C 56 -29.01 -26.19 13.16
C SER C 56 -28.22 -26.72 14.34
N SER C 57 -28.89 -26.98 15.46
CA SER C 57 -28.23 -27.55 16.63
C SER C 57 -27.96 -29.03 16.46
N PHE C 58 -28.83 -29.75 15.75
CA PHE C 58 -28.60 -31.16 15.46
C PHE C 58 -27.42 -31.36 14.54
N HIS C 59 -27.40 -30.66 13.40
CA HIS C 59 -26.27 -30.77 12.47
C HIS C 59 -24.98 -30.36 13.15
N THR C 60 -25.03 -29.35 14.01
CA THR C 60 -23.87 -28.98 14.80
C THR C 60 -23.39 -30.14 15.68
N ALA C 61 -24.32 -30.83 16.33
CA ALA C 61 -23.95 -31.97 17.17
C ALA C 61 -23.29 -33.06 16.33
N VAL C 62 -23.76 -33.26 15.10
CA VAL C 62 -23.11 -34.22 14.21
C VAL C 62 -21.68 -33.80 13.93
N VAL C 63 -21.46 -32.52 13.67
CA VAL C 63 -20.13 -32.01 13.38
C VAL C 63 -19.20 -32.23 14.58
N ASN C 64 -19.67 -31.90 15.78
CA ASN C 64 -18.83 -32.03 16.97
C ASN C 64 -18.47 -33.49 17.25
N GLN C 65 -19.40 -34.41 17.00
CA GLN C 65 -19.13 -35.82 17.21
C GLN C 65 -18.08 -36.33 16.22
N TYR C 66 -18.21 -35.94 14.94
CA TYR C 66 -17.24 -36.37 13.93
C TYR C 66 -15.85 -35.80 14.21
N ARG C 67 -15.77 -34.54 14.66
CA ARG C 67 -14.47 -33.95 14.96
C ARG C 67 -13.79 -34.68 16.11
N MET C 68 -14.55 -35.15 17.10
CA MET C 68 -13.94 -35.88 18.21
C MET C 68 -13.22 -37.13 17.75
N ARG C 69 -13.72 -37.79 16.70
CA ARG C 69 -13.22 -39.07 16.24
C ARG C 69 -12.15 -38.93 15.17
N GLY C 70 -11.66 -37.72 14.91
CA GLY C 70 -10.65 -37.49 13.89
C GLY C 70 -11.16 -37.47 12.47
N LEU C 71 -12.47 -37.54 12.27
CA LEU C 71 -13.08 -37.39 10.96
C LEU C 71 -13.36 -35.91 10.69
N ASN C 72 -13.75 -35.62 9.45
CA ASN C 72 -14.04 -34.24 9.06
C ASN C 72 -15.49 -34.13 8.64
N PRO C 73 -16.30 -33.30 9.29
CA PRO C 73 -17.70 -33.17 8.90
C PRO C 73 -17.91 -32.12 7.81
N GLY C 74 -19.16 -31.82 7.50
CA GLY C 74 -19.52 -30.72 6.64
C GLY C 74 -18.88 -29.40 7.05
N THR C 75 -17.57 -29.24 6.84
CA THR C 75 -16.91 -27.99 7.19
C THR C 75 -17.29 -26.87 6.23
N VAL C 76 -18.58 -26.57 6.15
CA VAL C 76 -19.09 -25.51 5.26
C VAL C 76 -19.11 -24.22 6.08
N ASN C 77 -17.99 -23.50 6.02
CA ASN C 77 -17.85 -22.25 6.75
C ASN C 77 -18.43 -21.10 5.93
N SER C 78 -18.78 -20.03 6.65
CA SER C 78 -19.43 -18.84 6.11
C SER C 78 -18.42 -17.89 5.50
N CYS C 79 -18.93 -16.80 4.93
CA CYS C 79 -18.13 -15.79 4.26
C CYS C 79 -18.33 -14.46 4.94
N CYS C 80 -17.28 -13.65 5.04
CA CYS C 80 -17.43 -12.28 5.52
C CYS C 80 -17.66 -11.40 4.29
N ILE C 81 -18.88 -10.89 4.14
CA ILE C 81 -19.28 -10.19 2.91
C ILE C 81 -20.13 -8.98 3.26
N PRO C 82 -20.17 -8.00 2.36
CA PRO C 82 -20.99 -6.80 2.61
C PRO C 82 -22.47 -7.14 2.64
N THR C 83 -23.16 -6.65 3.67
CA THR C 83 -24.60 -6.85 3.81
C THR C 83 -25.41 -5.62 3.48
N LYS C 84 -24.84 -4.42 3.59
CA LYS C 84 -25.54 -3.19 3.27
C LYS C 84 -24.65 -2.30 2.41
N LEU C 85 -25.18 -1.86 1.27
CA LEU C 85 -24.44 -1.04 0.32
C LEU C 85 -25.21 0.24 0.01
N SER C 86 -24.47 1.34 -0.16
CA SER C 86 -25.05 2.63 -0.53
C SER C 86 -24.54 3.09 -1.89
N THR C 87 -25.27 4.03 -2.47
CA THR C 87 -24.90 4.66 -3.73
C THR C 87 -24.02 5.88 -3.49
N MET C 88 -23.22 6.23 -4.51
CA MET C 88 -22.31 7.36 -4.46
C MET C 88 -22.48 8.22 -5.69
N SER C 89 -22.59 9.54 -5.49
CA SER C 89 -22.57 10.48 -6.60
C SER C 89 -21.14 10.70 -7.09
N MET C 90 -20.97 10.70 -8.41
CA MET C 90 -19.66 10.88 -9.00
C MET C 90 -19.77 11.82 -10.19
N LEU C 91 -18.77 12.70 -10.34
CA LEU C 91 -18.73 13.71 -11.40
C LEU C 91 -17.46 13.53 -12.21
N TYR C 92 -17.61 13.24 -13.51
CA TYR C 92 -16.48 12.82 -14.32
C TYR C 92 -16.67 13.24 -15.77
N PHE C 93 -15.59 13.09 -16.54
CA PHE C 93 -15.63 13.30 -17.98
C PHE C 93 -16.17 12.03 -18.66
N ASP C 94 -17.07 12.22 -19.62
CA ASP C 94 -17.57 11.09 -20.38
C ASP C 94 -16.61 10.77 -21.53
N ASP C 95 -16.78 9.59 -22.15
CA ASP C 95 -15.88 9.20 -23.23
C ASP C 95 -16.09 10.06 -24.47
N GLU C 96 -17.23 10.74 -24.56
CA GLU C 96 -17.44 11.76 -25.58
C GLU C 96 -17.27 13.16 -24.99
N TYR C 97 -16.53 13.25 -23.88
CA TYR C 97 -16.07 14.48 -23.27
C TYR C 97 -17.20 15.36 -22.71
N ASN C 98 -18.40 14.80 -22.56
CA ASN C 98 -19.46 15.47 -21.83
C ASN C 98 -19.21 15.38 -20.32
N ILE C 99 -19.68 16.38 -19.59
CA ILE C 99 -19.58 16.38 -18.13
C ILE C 99 -20.88 15.77 -17.60
N VAL C 100 -20.80 14.56 -17.08
CA VAL C 100 -21.96 13.84 -16.59
C VAL C 100 -21.77 13.55 -15.11
N LYS C 101 -22.78 13.88 -14.31
CA LYS C 101 -22.83 13.49 -12.91
C LYS C 101 -23.75 12.29 -12.81
N ARG C 102 -23.25 11.19 -12.25
CA ARG C 102 -24.01 9.96 -12.12
C ARG C 102 -23.82 9.42 -10.72
N ASP C 103 -24.92 9.06 -10.07
CA ASP C 103 -24.89 8.43 -8.77
C ASP C 103 -24.67 6.94 -9.00
N VAL C 104 -23.45 6.48 -8.79
CA VAL C 104 -23.11 5.09 -9.09
C VAL C 104 -23.54 4.28 -7.87
N PRO C 105 -24.44 3.32 -8.03
CA PRO C 105 -25.00 2.62 -6.87
C PRO C 105 -24.07 1.54 -6.33
N ASN C 106 -24.37 1.12 -5.11
CA ASN C 106 -23.77 -0.07 -4.50
C ASN C 106 -22.25 0.04 -4.41
N MET C 107 -21.76 1.23 -4.09
CA MET C 107 -20.33 1.50 -4.08
C MET C 107 -19.69 1.41 -2.70
N ILE C 108 -20.40 1.80 -1.64
CA ILE C 108 -19.83 1.91 -0.30
C ILE C 108 -20.46 0.85 0.61
N VAL C 109 -19.61 0.10 1.31
CA VAL C 109 -20.04 -0.87 2.31
C VAL C 109 -20.31 -0.16 3.64
N GLU C 110 -21.51 -0.34 4.19
CA GLU C 110 -21.83 0.16 5.53
C GLU C 110 -21.85 -0.92 6.59
N GLU C 111 -22.24 -2.14 6.26
CA GLU C 111 -22.18 -3.25 7.19
C GLU C 111 -21.56 -4.47 6.54
N CYS C 112 -20.90 -5.27 7.36
CA CYS C 112 -20.43 -6.58 6.97
C CYS C 112 -21.12 -7.63 7.82
N GLY C 113 -21.16 -8.86 7.30
CA GLY C 113 -21.77 -9.94 8.04
C GLY C 113 -21.45 -11.27 7.40
N CYS C 114 -21.84 -12.32 8.10
CA CYS C 114 -21.61 -13.68 7.65
C CYS C 114 -22.77 -14.11 6.78
N ALA C 115 -22.47 -14.82 5.70
CA ALA C 115 -23.50 -15.25 4.77
C ALA C 115 -24.39 -16.34 5.36
N GLU D 5 15.38 -8.94 -35.86
CA GLU D 5 16.57 -8.24 -35.39
C GLU D 5 16.61 -6.82 -35.93
N ARG D 6 17.20 -5.92 -35.16
CA ARG D 6 17.29 -4.51 -35.51
C ARG D 6 18.74 -4.03 -35.36
N LEU D 7 19.13 -3.09 -36.21
CA LEU D 7 20.45 -2.49 -36.15
C LEU D 7 20.37 -1.17 -35.40
N CYS D 8 21.24 -1.00 -34.41
CA CYS D 8 21.21 0.15 -33.51
C CYS D 8 22.59 0.79 -33.46
N ALA D 9 22.61 2.08 -33.13
CA ALA D 9 23.87 2.73 -32.86
C ALA D 9 24.48 2.17 -31.58
N PHE D 10 25.81 2.15 -31.53
CA PHE D 10 26.52 1.52 -30.42
C PHE D 10 27.66 2.40 -29.95
N LYS D 11 27.90 2.39 -28.64
CA LYS D 11 29.03 3.08 -28.04
C LYS D 11 29.18 2.64 -26.59
N ASP D 12 30.34 2.08 -26.25
CA ASP D 12 30.55 1.59 -24.89
C ASP D 12 32.00 1.82 -24.48
N PRO D 13 32.28 2.82 -23.65
CA PRO D 13 33.66 2.97 -23.14
C PRO D 13 33.96 2.10 -21.93
N TYR D 14 33.03 1.24 -21.53
CA TYR D 14 33.20 0.35 -20.40
C TYR D 14 33.43 -1.07 -20.90
N GLN D 15 34.30 -1.81 -20.22
CA GLN D 15 34.63 -3.16 -20.63
C GLN D 15 33.73 -4.18 -19.93
N HIS D 27 32.62 -0.81 -31.31
CA HIS D 27 32.04 -0.47 -32.61
C HIS D 27 33.13 -0.30 -33.67
N GLU D 28 33.39 -1.36 -34.43
CA GLU D 28 34.33 -1.24 -35.54
C GLU D 28 33.79 -0.29 -36.61
N ASN D 29 32.56 -0.53 -37.08
CA ASN D 29 31.90 0.39 -37.99
C ASN D 29 30.67 1.05 -37.37
N GLY D 30 30.28 0.66 -36.16
CA GLY D 30 29.15 1.26 -35.49
C GLY D 30 27.82 0.60 -35.77
N THR D 31 27.81 -0.73 -35.83
CA THR D 31 26.58 -1.50 -35.99
C THR D 31 26.52 -2.56 -34.91
N ILE D 32 25.32 -3.05 -34.64
CA ILE D 32 25.14 -4.11 -33.64
C ILE D 32 23.96 -4.98 -34.05
N LEU D 33 24.15 -6.30 -33.97
CA LEU D 33 23.08 -7.25 -34.21
C LEU D 33 22.35 -7.49 -32.89
N CYS D 34 21.10 -7.05 -32.81
CA CYS D 34 20.30 -7.26 -31.61
C CYS D 34 19.58 -8.60 -31.70
N SER D 35 19.40 -9.24 -30.54
CA SER D 35 18.58 -10.44 -30.50
C SER D 35 17.17 -10.13 -31.00
N LYS D 36 16.50 -11.17 -31.48
CA LYS D 36 15.17 -11.03 -32.07
C LYS D 36 14.20 -10.44 -31.06
N GLY D 37 13.59 -9.31 -31.41
CA GLY D 37 12.63 -8.65 -30.55
C GLY D 37 13.16 -7.54 -29.68
N SER D 38 14.42 -7.15 -29.84
CA SER D 38 15.00 -6.06 -29.06
C SER D 38 14.82 -4.73 -29.78
N THR D 39 15.08 -3.65 -29.06
CA THR D 39 14.99 -2.29 -29.60
C THR D 39 16.34 -1.59 -29.42
N CYS D 40 16.38 -0.31 -29.77
CA CYS D 40 17.57 0.52 -29.65
C CYS D 40 17.43 1.43 -28.45
N TYR D 41 18.56 1.71 -27.79
CA TYR D 41 18.58 2.67 -26.70
C TYR D 41 19.82 3.56 -26.80
N GLY D 42 19.80 4.66 -26.04
CA GLY D 42 20.95 5.53 -25.96
C GLY D 42 20.96 6.35 -24.68
N LEU D 43 22.14 6.50 -24.06
CA LEU D 43 22.29 7.27 -22.82
C LEU D 43 23.30 8.39 -23.04
N TRP D 44 22.89 9.62 -22.74
CA TRP D 44 23.75 10.79 -22.82
C TRP D 44 23.89 11.43 -21.43
N GLU D 45 25.00 12.14 -21.24
CA GLU D 45 25.21 12.92 -20.03
C GLU D 45 25.21 14.40 -20.36
N GLY D 49 25.80 18.41 -18.11
CA GLY D 49 26.72 19.40 -18.63
C GLY D 49 26.61 19.56 -20.14
N ASP D 50 27.75 19.54 -20.84
CA ASP D 50 27.73 19.63 -22.28
C ASP D 50 27.41 18.24 -22.81
N ILE D 51 26.32 18.12 -23.57
CA ILE D 51 25.66 16.84 -23.69
C ILE D 51 26.36 15.98 -24.74
N ASN D 52 27.10 14.98 -24.26
CA ASN D 52 27.78 13.97 -25.07
C ASN D 52 27.32 12.58 -24.64
N LEU D 53 27.54 11.62 -25.54
CA LEU D 53 27.00 10.27 -25.41
C LEU D 53 27.84 9.39 -24.49
N VAL D 54 27.16 8.59 -23.68
CA VAL D 54 27.78 7.65 -22.76
C VAL D 54 27.61 6.21 -23.23
N LYS D 55 26.43 5.86 -23.75
CA LYS D 55 26.19 4.49 -24.16
C LYS D 55 25.06 4.43 -25.19
N GLN D 56 25.21 3.50 -26.14
CA GLN D 56 24.18 3.17 -27.11
C GLN D 56 24.25 1.67 -27.39
N GLY D 57 23.10 1.09 -27.74
CA GLY D 57 23.08 -0.32 -28.11
C GLY D 57 21.68 -0.88 -28.17
N CYS D 58 21.56 -2.16 -27.84
CA CYS D 58 20.31 -2.89 -27.95
C CYS D 58 19.61 -2.91 -26.60
N TRP D 59 18.32 -2.63 -26.60
CA TRP D 59 17.50 -2.61 -25.39
C TRP D 59 16.47 -3.73 -25.53
N SER D 60 16.69 -4.84 -24.84
CA SER D 60 15.82 -6.00 -24.98
C SER D 60 14.68 -5.97 -23.98
N HIS D 61 14.54 -4.87 -23.24
CA HIS D 61 13.39 -4.66 -22.38
C HIS D 61 12.16 -4.29 -23.20
N ILE D 62 11.42 -5.30 -23.66
CA ILE D 62 10.00 -5.14 -23.92
C ILE D 62 9.29 -5.59 -22.64
N GLY D 63 7.97 -5.71 -22.70
CA GLY D 63 7.22 -5.91 -21.47
C GLY D 63 7.02 -4.65 -20.68
N ASP D 64 7.07 -3.49 -21.31
CA ASP D 64 6.70 -2.19 -20.78
C ASP D 64 6.62 -1.23 -21.96
N PRO D 65 5.60 -1.38 -22.83
CA PRO D 65 5.55 -0.55 -24.04
C PRO D 65 5.31 0.92 -23.74
N GLN D 66 5.11 1.26 -22.46
CA GLN D 66 5.11 2.67 -22.07
C GLN D 66 6.45 3.33 -22.28
N GLU D 67 7.50 2.56 -22.57
CA GLU D 67 8.85 3.08 -22.67
C GLU D 67 9.47 2.93 -24.04
N CYS D 68 9.18 1.87 -24.79
CA CYS D 68 9.91 1.57 -26.01
C CYS D 68 9.00 1.53 -27.24
N HIS D 69 7.97 2.38 -27.27
CA HIS D 69 7.13 2.54 -28.46
C HIS D 69 7.45 3.92 -29.04
N TYR D 70 8.41 3.97 -29.95
CA TYR D 70 8.80 5.25 -30.54
C TYR D 70 9.37 5.03 -31.93
N GLU D 71 8.97 5.89 -32.87
CA GLU D 71 9.59 5.88 -34.19
C GLU D 71 11.03 6.35 -34.09
N GLU D 72 11.28 7.40 -33.31
CA GLU D 72 12.61 7.92 -33.06
C GLU D 72 12.88 7.96 -31.56
N CYS D 73 14.17 8.02 -31.21
CA CYS D 73 14.58 8.17 -29.82
C CYS D 73 13.91 9.38 -29.17
N VAL D 74 13.24 9.15 -28.03
CA VAL D 74 12.54 10.18 -27.29
C VAL D 74 12.89 10.08 -25.81
N VAL D 75 13.34 11.18 -25.23
CA VAL D 75 13.57 11.34 -23.79
C VAL D 75 12.36 11.95 -23.13
N THR D 76 11.99 11.46 -21.95
CA THR D 76 10.79 11.90 -21.25
C THR D 76 11.18 12.64 -19.97
N ILE D 82 17.29 9.38 -6.37
CA ILE D 82 16.96 10.54 -7.17
C ILE D 82 17.99 10.72 -8.29
N GLN D 83 17.53 11.26 -9.41
CA GLN D 83 18.38 11.42 -10.59
C GLN D 83 19.07 12.77 -10.58
N ASN D 84 20.26 12.81 -11.20
CA ASN D 84 20.97 14.07 -11.42
C ASN D 84 20.06 15.11 -12.08
N GLY D 85 19.24 14.68 -13.02
CA GLY D 85 18.55 15.59 -13.92
C GLY D 85 19.30 15.89 -15.19
N THR D 86 20.58 15.49 -15.28
CA THR D 86 21.39 15.69 -16.46
C THR D 86 21.27 14.57 -17.47
N TYR D 87 20.90 13.36 -17.04
CA TYR D 87 20.92 12.19 -17.91
C TYR D 87 19.68 12.13 -18.77
N ARG D 88 19.85 11.61 -19.99
CA ARG D 88 18.77 11.48 -20.96
C ARG D 88 18.82 10.07 -21.54
N PHE D 89 17.83 9.25 -21.22
CA PHE D 89 17.73 7.89 -21.72
C PHE D 89 16.52 7.78 -22.64
N CYS D 90 16.67 7.04 -23.73
CA CYS D 90 15.55 6.72 -24.60
C CYS D 90 15.64 5.27 -25.04
N CYS D 91 14.55 4.80 -25.63
CA CYS D 91 14.59 3.61 -26.48
C CYS D 91 13.62 3.84 -27.64
N CYS D 92 13.97 3.27 -28.80
CA CYS D 92 13.15 3.43 -29.99
C CYS D 92 13.23 2.17 -30.83
N SER D 93 12.37 2.10 -31.85
CA SER D 93 12.06 0.83 -32.51
C SER D 93 12.76 0.61 -33.85
N THR D 94 13.14 1.67 -34.56
CA THR D 94 13.65 1.50 -35.91
C THR D 94 15.17 1.34 -35.91
N ASP D 95 15.73 1.20 -37.11
CA ASP D 95 17.17 1.02 -37.27
C ASP D 95 17.89 2.34 -36.99
N LEU D 96 18.85 2.31 -36.07
CA LEU D 96 19.76 3.42 -35.79
C LEU D 96 19.05 4.66 -35.27
N CYS D 97 17.78 4.54 -34.85
CA CYS D 97 17.03 5.70 -34.39
C CYS D 97 17.57 6.29 -33.10
N ASN D 98 18.45 5.59 -32.39
CA ASN D 98 18.96 6.05 -31.11
C ASN D 98 20.13 7.02 -31.27
N VAL D 99 20.22 7.71 -32.40
CA VAL D 99 21.35 8.60 -32.67
C VAL D 99 21.02 10.03 -32.24
N ASN D 100 19.75 10.43 -32.34
CA ASN D 100 19.31 11.75 -31.91
C ASN D 100 17.96 11.61 -31.22
N PHE D 101 17.76 12.40 -30.17
CA PHE D 101 16.52 12.35 -29.40
C PHE D 101 15.78 13.67 -29.55
N THR D 102 14.57 13.72 -28.98
CA THR D 102 13.81 14.96 -28.98
C THR D 102 12.82 14.96 -27.83
N GLU D 103 12.55 16.16 -27.33
CA GLU D 103 11.58 16.37 -26.26
C GLU D 103 10.50 17.29 -26.81
N ASN D 104 9.23 16.92 -26.67
CA ASN D 104 8.16 17.81 -27.12
C ASN D 104 6.97 17.67 -26.18
N PHE D 105 7.04 18.33 -25.04
CA PHE D 105 5.93 18.33 -24.10
C PHE D 105 5.00 19.51 -24.35
N PRO D 106 3.70 19.33 -24.14
CA PRO D 106 2.75 20.42 -24.38
C PRO D 106 2.75 21.37 -23.21
N PRO D 107 2.58 22.68 -23.45
CA PRO D 107 2.65 23.64 -22.34
C PRO D 107 1.33 23.74 -21.58
N ARG E 6 25.90 9.11 26.99
CA ARG E 6 26.06 10.52 26.73
C ARG E 6 25.40 11.38 27.81
N LEU E 7 26.00 12.53 28.10
CA LEU E 7 25.47 13.49 29.05
C LEU E 7 24.74 14.61 28.30
N CYS E 8 23.52 14.91 28.73
CA CYS E 8 22.69 15.86 28.00
C CYS E 8 22.17 16.96 28.91
N ALA E 9 21.94 18.13 28.31
CA ALA E 9 21.25 19.22 28.99
C ALA E 9 19.77 18.90 29.15
N PHE E 10 19.16 19.49 30.18
CA PHE E 10 17.78 19.17 30.53
C PHE E 10 16.99 20.45 30.77
N LYS E 11 15.71 20.42 30.38
CA LYS E 11 14.78 21.52 30.62
C LYS E 11 13.35 21.06 30.31
N ASP E 12 12.44 21.18 31.29
CA ASP E 12 11.06 20.75 31.10
C ASP E 12 10.13 21.72 31.83
N PRO E 13 9.52 22.66 31.11
CA PRO E 13 8.50 23.55 31.69
C PRO E 13 7.07 23.05 31.60
N TYR E 14 6.83 21.84 31.10
CA TYR E 14 5.46 21.36 30.92
C TYR E 14 5.04 20.37 31.99
N GLN E 15 4.93 19.10 31.61
CA GLN E 15 4.47 18.07 32.53
C GLN E 15 5.63 17.41 33.25
N ARG E 24 17.85 11.08 39.50
CA ARG E 24 18.89 11.74 38.70
C ARG E 24 18.53 13.21 38.53
N ILE E 25 18.27 13.87 39.65
CA ILE E 25 17.81 15.26 39.67
C ILE E 25 18.83 16.07 40.45
N SER E 26 19.72 16.74 39.74
CA SER E 26 20.68 17.68 40.34
C SER E 26 20.85 18.82 39.34
N HIS E 27 20.09 19.89 39.54
CA HIS E 27 20.04 20.95 38.54
C HIS E 27 20.75 22.21 38.98
N GLU E 28 21.99 22.07 39.47
CA GLU E 28 22.82 23.23 39.72
C GLU E 28 23.17 23.92 38.41
N ASN E 29 23.52 23.13 37.40
CA ASN E 29 23.73 23.63 36.04
C ASN E 29 22.62 23.25 35.08
N GLY E 30 21.66 22.41 35.48
CA GLY E 30 20.53 22.08 34.65
C GLY E 30 20.75 20.95 33.68
N THR E 31 21.44 19.89 34.11
CA THR E 31 21.71 18.73 33.28
C THR E 31 21.31 17.46 34.01
N ILE E 32 21.24 16.37 33.25
CA ILE E 32 20.87 15.05 33.75
C ILE E 32 21.71 14.01 33.03
N LEU E 33 22.19 13.02 33.77
CA LEU E 33 22.99 11.95 33.20
C LEU E 33 22.09 10.89 32.58
N CYS E 34 22.24 10.70 31.28
CA CYS E 34 21.47 9.75 30.51
C CYS E 34 22.10 8.36 30.57
N SER E 35 21.25 7.34 30.47
CA SER E 35 21.70 5.95 30.38
C SER E 35 22.67 5.79 29.21
N LYS E 36 23.46 4.71 29.23
CA LYS E 36 24.53 4.54 28.26
C LYS E 36 24.05 4.65 26.83
N GLY E 37 23.09 3.80 26.43
CA GLY E 37 22.60 3.81 25.07
C GLY E 37 21.71 4.98 24.70
N SER E 38 21.56 5.96 25.58
CA SER E 38 20.72 7.10 25.28
C SER E 38 21.50 8.22 24.60
N THR E 39 20.75 9.14 23.99
CA THR E 39 21.32 10.29 23.32
C THR E 39 20.68 11.58 23.83
N CYS E 40 20.99 12.71 23.22
CA CYS E 40 20.45 14.00 23.60
C CYS E 40 19.36 14.44 22.63
N TYR E 41 18.37 15.16 23.14
CA TYR E 41 17.35 15.74 22.30
C TYR E 41 17.08 17.17 22.74
N GLY E 42 16.46 17.93 21.84
CA GLY E 42 16.05 19.29 22.12
C GLY E 42 14.93 19.70 21.19
N LEU E 43 13.93 20.40 21.73
CA LEU E 43 12.80 20.86 20.92
C LEU E 43 12.70 22.37 21.00
N TRP E 44 12.66 23.02 19.83
CA TRP E 44 12.47 24.46 19.75
C TRP E 44 11.19 24.76 18.98
N GLU E 45 10.58 25.89 19.32
CA GLU E 45 9.38 26.38 18.67
C GLU E 45 9.70 27.67 17.93
N LYS E 46 9.54 27.66 16.61
CA LYS E 46 9.89 28.78 15.74
C LYS E 46 8.60 29.42 15.24
N SER E 47 8.15 30.45 15.93
CA SER E 47 6.96 31.19 15.54
C SER E 47 7.03 32.60 16.12
N LYS E 48 6.55 33.58 15.34
CA LYS E 48 6.56 34.99 15.70
C LYS E 48 8.00 35.52 15.84
N GLY E 49 8.88 35.05 14.97
CA GLY E 49 10.26 35.50 14.90
C GLY E 49 11.23 34.84 15.87
N ASP E 50 10.76 34.52 17.07
CA ASP E 50 11.60 33.89 18.08
C ASP E 50 11.67 32.37 17.91
N ILE E 51 12.90 31.85 17.89
CA ILE E 51 13.12 30.42 18.13
C ILE E 51 13.09 30.23 19.64
N ASN E 52 12.11 29.48 20.13
CA ASN E 52 11.92 29.31 21.56
C ASN E 52 12.27 27.90 21.99
N LEU E 53 12.88 27.77 23.16
CA LEU E 53 13.30 26.47 23.67
C LEU E 53 12.17 25.88 24.50
N VAL E 54 11.84 24.62 24.25
CA VAL E 54 10.74 23.96 24.93
C VAL E 54 11.23 22.79 25.79
N LYS E 55 12.16 21.98 25.29
CA LYS E 55 12.54 20.80 26.06
C LYS E 55 13.93 20.33 25.68
N GLN E 56 14.63 19.78 26.67
CA GLN E 56 15.93 19.14 26.47
C GLN E 56 16.04 17.96 27.43
N GLY E 57 16.78 16.94 27.01
CA GLY E 57 17.00 15.81 27.88
C GLY E 57 17.58 14.61 27.16
N CYS E 58 17.22 13.42 27.64
CA CYS E 58 17.76 12.16 27.16
C CYS E 58 16.82 11.53 26.15
N TRP E 59 17.37 11.04 25.04
CA TRP E 59 16.58 10.39 23.99
C TRP E 59 17.01 8.92 24.01
N SER E 60 16.17 8.06 24.56
CA SER E 60 16.51 6.68 24.90
C SER E 60 16.18 5.68 23.80
N HIS E 61 15.92 6.13 22.58
CA HIS E 61 15.73 5.18 21.48
C HIS E 61 17.04 4.47 21.13
N GLU E 67 18.01 6.56 13.37
CA GLU E 67 19.45 6.74 13.55
C GLU E 67 19.78 8.16 14.02
N CYS E 68 20.41 8.24 15.19
CA CYS E 68 20.68 9.49 15.88
C CYS E 68 22.18 9.64 16.15
N HIS E 69 22.99 9.34 15.15
CA HIS E 69 24.46 9.42 15.25
C HIS E 69 24.92 10.74 14.66
N TYR E 70 25.14 11.72 15.54
CA TYR E 70 25.55 13.06 15.15
C TYR E 70 26.41 13.64 16.26
N GLU E 71 27.50 14.31 15.87
CA GLU E 71 28.35 14.98 16.85
C GLU E 71 27.63 16.14 17.52
N GLU E 72 26.88 16.92 16.75
CA GLU E 72 26.12 18.05 17.27
C GLU E 72 24.65 17.91 16.91
N CYS E 73 23.82 18.65 17.65
CA CYS E 73 22.39 18.75 17.37
C CYS E 73 22.14 19.19 15.93
N VAL E 74 21.37 18.38 15.20
CA VAL E 74 21.05 18.62 13.81
C VAL E 74 19.55 18.42 13.59
N VAL E 75 18.91 19.40 12.96
CA VAL E 75 17.54 19.23 12.49
C VAL E 75 17.63 18.68 11.07
N THR E 76 16.83 17.65 10.78
CA THR E 76 17.00 16.89 9.56
C THR E 76 15.84 16.94 8.57
N THR E 77 14.66 17.38 8.96
CA THR E 77 13.48 17.16 8.15
C THR E 77 12.90 18.49 7.67
N THR E 78 11.67 18.42 7.13
CA THR E 78 10.88 19.56 6.72
C THR E 78 9.89 19.89 7.82
N PRO E 79 10.13 20.92 8.63
CA PRO E 79 9.12 21.35 9.60
C PRO E 79 7.83 21.71 8.88
N PRO E 80 6.68 21.25 9.39
CA PRO E 80 5.43 21.38 8.64
C PRO E 80 5.04 22.82 8.35
N SER E 81 5.37 23.28 7.15
CA SER E 81 5.01 24.63 6.72
C SER E 81 4.47 24.61 5.29
N THR E 86 6.18 24.51 12.63
CA THR E 86 6.88 25.53 13.41
C THR E 86 7.96 24.91 14.28
N TYR E 87 7.77 23.64 14.63
CA TYR E 87 8.65 22.99 15.59
C TYR E 87 9.92 22.47 14.92
N ARG E 88 11.02 22.48 15.69
CA ARG E 88 12.33 22.03 15.22
C ARG E 88 12.91 21.11 16.29
N PHE E 89 13.02 19.82 15.97
CA PHE E 89 13.54 18.80 16.86
C PHE E 89 14.86 18.26 16.32
N CYS E 90 15.79 17.96 17.23
CA CYS E 90 17.02 17.30 16.84
C CYS E 90 17.33 16.17 17.82
N CYS E 91 18.29 15.33 17.42
CA CYS E 91 18.95 14.40 18.32
C CYS E 91 20.42 14.31 17.95
N CYS E 92 21.26 14.12 18.96
CA CYS E 92 22.69 13.95 18.73
C CYS E 92 23.24 13.02 19.81
N SER E 93 24.46 12.54 19.57
CA SER E 93 25.00 11.40 20.32
C SER E 93 26.01 11.78 21.39
N THR E 94 26.65 12.94 21.27
CA THR E 94 27.76 13.28 22.15
C THR E 94 27.26 14.01 23.39
N ASP E 95 28.20 14.38 24.26
CA ASP E 95 27.87 15.05 25.52
C ASP E 95 27.46 16.50 25.27
N LEU E 96 26.27 16.87 25.76
CA LEU E 96 25.79 18.24 25.83
C LEU E 96 25.60 18.90 24.45
N CYS E 97 25.63 18.11 23.38
CA CYS E 97 25.51 18.63 22.02
C CYS E 97 24.14 19.23 21.71
N ASN E 98 23.16 19.05 22.58
CA ASN E 98 21.77 19.43 22.30
C ASN E 98 21.45 20.91 22.55
N VAL E 99 22.43 21.80 22.46
CA VAL E 99 22.18 23.20 22.81
C VAL E 99 21.86 24.06 21.58
N ASN E 100 22.48 23.77 20.44
CA ASN E 100 22.22 24.54 19.23
C ASN E 100 22.11 23.63 18.01
N PHE E 101 21.21 24.00 17.10
CA PHE E 101 20.86 23.22 15.92
C PHE E 101 21.19 23.94 14.63
N THR E 102 20.90 23.24 13.53
CA THR E 102 20.98 23.71 12.15
C THR E 102 19.93 22.93 11.37
N GLU E 103 19.45 23.50 10.28
CA GLU E 103 18.34 22.92 9.53
C GLU E 103 18.80 22.38 8.18
N ASN E 104 18.24 21.24 7.81
CA ASN E 104 18.51 20.57 6.53
C ASN E 104 17.15 20.12 5.99
N PHE E 105 16.46 21.05 5.29
CA PHE E 105 15.19 20.70 4.69
C PHE E 105 15.55 20.05 3.36
N PRO E 106 15.42 18.74 3.25
CA PRO E 106 16.00 17.98 2.13
C PRO E 106 15.65 18.55 0.77
N PRO E 107 16.59 19.31 0.16
CA PRO E 107 16.41 19.99 -1.12
C PRO E 107 16.67 19.08 -2.31
N GLN F 4 -35.17 16.89 7.14
CA GLN F 4 -36.06 16.73 5.98
C GLN F 4 -35.27 16.34 4.74
N GLU F 5 -35.58 17.00 3.63
CA GLU F 5 -34.87 16.82 2.37
C GLU F 5 -34.57 18.19 1.79
N ARG F 6 -33.33 18.40 1.34
CA ARG F 6 -32.86 19.72 0.96
C ARG F 6 -33.13 19.99 -0.52
N LEU F 7 -33.47 21.24 -0.82
CA LEU F 7 -33.62 21.72 -2.18
C LEU F 7 -32.37 22.52 -2.56
N CYS F 8 -31.84 22.23 -3.75
CA CYS F 8 -30.58 22.82 -4.19
C CYS F 8 -30.76 23.49 -5.54
N ALA F 9 -29.94 24.50 -5.80
CA ALA F 9 -29.91 25.13 -7.11
C ALA F 9 -29.48 24.11 -8.16
N PHE F 10 -30.00 24.27 -9.38
CA PHE F 10 -29.85 23.27 -10.42
C PHE F 10 -29.26 23.87 -11.68
N LYS F 11 -28.38 23.10 -12.32
CA LYS F 11 -27.81 23.44 -13.62
C LYS F 11 -27.10 22.22 -14.21
N ASP F 12 -27.73 21.55 -15.17
CA ASP F 12 -27.17 20.35 -15.78
C ASP F 12 -27.52 20.38 -17.26
N PRO F 13 -26.62 20.87 -18.11
CA PRO F 13 -26.92 20.98 -19.55
C PRO F 13 -26.76 19.69 -20.33
N TYR F 14 -26.37 18.59 -19.68
CA TYR F 14 -26.27 17.31 -20.35
C TYR F 14 -27.40 16.39 -19.89
N GLN F 15 -27.05 15.29 -19.24
CA GLN F 15 -28.01 14.34 -18.64
C GLN F 15 -29.18 13.97 -19.54
N ILE F 20 -35.13 12.36 -16.62
CA ILE F 20 -34.38 12.05 -15.41
C ILE F 20 -34.76 13.00 -14.28
N GLY F 21 -35.28 12.45 -13.19
CA GLY F 21 -35.63 13.26 -12.03
C GLY F 21 -36.69 14.30 -12.31
N GLU F 22 -37.60 14.02 -13.26
CA GLU F 22 -38.57 15.02 -13.70
C GLU F 22 -39.51 15.40 -12.57
N SER F 23 -39.92 14.42 -11.76
CA SER F 23 -40.83 14.71 -10.66
C SER F 23 -40.23 15.65 -9.62
N ARG F 24 -38.93 15.94 -9.69
CA ARG F 24 -38.27 16.79 -8.71
C ARG F 24 -37.85 18.14 -9.26
N ILE F 25 -38.03 18.39 -10.55
CA ILE F 25 -37.61 19.63 -11.17
C ILE F 25 -38.82 20.19 -11.91
N SER F 26 -39.43 21.22 -11.32
CA SER F 26 -40.36 22.08 -12.04
C SER F 26 -39.54 23.21 -12.66
N HIS F 27 -39.38 23.17 -13.98
CA HIS F 27 -38.57 24.18 -14.66
C HIS F 27 -39.19 25.58 -14.65
N GLU F 28 -40.26 25.81 -13.89
CA GLU F 28 -40.81 27.15 -13.77
C GLU F 28 -39.83 28.08 -13.04
N ASN F 29 -39.18 27.58 -11.98
CA ASN F 29 -38.19 28.36 -11.25
C ASN F 29 -36.77 27.88 -11.44
N GLY F 30 -36.57 26.67 -11.97
CA GLY F 30 -35.24 26.19 -12.26
C GLY F 30 -34.47 25.68 -11.06
N THR F 31 -35.11 24.86 -10.23
CA THR F 31 -34.48 24.28 -9.06
C THR F 31 -34.70 22.76 -9.06
N ILE F 32 -33.98 22.07 -8.18
CA ILE F 32 -34.13 20.64 -8.00
C ILE F 32 -34.21 20.34 -6.51
N LEU F 33 -35.19 19.53 -6.12
CA LEU F 33 -35.32 19.06 -4.75
C LEU F 33 -34.61 17.72 -4.62
N CYS F 34 -33.61 17.66 -3.75
CA CYS F 34 -32.80 16.47 -3.59
C CYS F 34 -33.44 15.52 -2.59
N SER F 35 -33.33 14.23 -2.86
CA SER F 35 -33.84 13.21 -1.96
C SER F 35 -33.12 13.30 -0.62
N LYS F 36 -33.77 12.78 0.42
CA LYS F 36 -33.17 12.75 1.75
C LYS F 36 -31.86 11.97 1.72
N GLY F 37 -30.82 12.55 2.29
CA GLY F 37 -29.49 11.99 2.24
C GLY F 37 -28.61 12.56 1.15
N SER F 38 -29.16 13.39 0.27
CA SER F 38 -28.39 14.09 -0.75
C SER F 38 -28.12 15.52 -0.29
N THR F 39 -27.08 16.12 -0.88
CA THR F 39 -26.74 17.50 -0.56
C THR F 39 -26.64 18.32 -1.84
N CYS F 40 -26.22 19.58 -1.70
CA CYS F 40 -26.01 20.45 -2.84
C CYS F 40 -24.57 20.36 -3.31
N TYR F 41 -24.36 20.54 -4.61
CA TYR F 41 -23.01 20.60 -5.15
C TYR F 41 -22.93 21.69 -6.21
N GLY F 42 -21.70 22.07 -6.52
CA GLY F 42 -21.43 23.07 -7.54
C GLY F 42 -20.04 22.92 -8.12
N LEU F 43 -19.93 22.98 -9.44
CA LEU F 43 -18.62 22.82 -10.10
C LEU F 43 -18.22 24.09 -10.83
N VAL F 54 -20.25 25.85 -13.12
CA VAL F 54 -20.15 24.92 -14.25
C VAL F 54 -21.28 23.89 -14.17
N LYS F 55 -21.62 23.48 -12.96
CA LYS F 55 -22.67 22.49 -12.75
C LYS F 55 -23.23 22.64 -11.34
N GLN F 56 -24.51 22.36 -11.19
CA GLN F 56 -25.19 22.46 -9.90
C GLN F 56 -26.26 21.37 -9.83
N GLY F 57 -26.51 20.90 -8.60
CA GLY F 57 -27.54 19.91 -8.40
C GLY F 57 -27.45 19.16 -7.09
N CYS F 58 -27.76 17.87 -7.14
CA CYS F 58 -27.86 17.03 -5.95
C CYS F 58 -26.65 16.12 -5.85
N TRP F 59 -26.07 16.05 -4.64
CA TRP F 59 -24.88 15.25 -4.37
C TRP F 59 -25.21 14.26 -3.26
N SER F 60 -25.36 12.99 -3.63
CA SER F 60 -25.77 11.95 -2.70
C SER F 60 -24.59 11.22 -2.07
N HIS F 61 -23.39 11.79 -2.14
CA HIS F 61 -22.23 11.18 -1.52
C HIS F 61 -22.38 11.20 -0.01
N ILE F 62 -22.33 10.03 0.61
CA ILE F 62 -22.53 9.88 2.05
C ILE F 62 -21.43 8.99 2.61
N GLY F 63 -21.24 9.07 3.93
CA GLY F 63 -20.15 8.41 4.59
C GLY F 63 -18.89 9.23 4.72
N ASP F 64 -18.80 10.36 4.01
CA ASP F 64 -17.67 11.28 4.11
C ASP F 64 -18.20 12.67 4.47
N PRO F 65 -18.68 12.86 5.71
CA PRO F 65 -19.09 14.21 6.12
C PRO F 65 -17.95 15.18 6.31
N GLN F 66 -16.70 14.70 6.36
CA GLN F 66 -15.50 15.54 6.30
C GLN F 66 -15.32 16.19 4.93
N GLU F 67 -16.39 16.28 4.14
CA GLU F 67 -16.39 16.91 2.81
C GLU F 67 -17.58 17.80 2.55
N CYS F 68 -18.77 17.51 3.10
CA CYS F 68 -19.99 18.23 2.83
C CYS F 68 -20.67 18.67 4.12
N HIS F 69 -19.88 19.16 5.07
CA HIS F 69 -20.40 19.64 6.36
C HIS F 69 -20.20 21.16 6.40
N TYR F 70 -21.16 21.89 5.84
CA TYR F 70 -21.08 23.34 5.76
C TYR F 70 -22.48 23.92 5.70
N GLU F 71 -22.65 25.11 6.28
CA GLU F 71 -23.89 25.83 6.11
C GLU F 71 -24.00 26.41 4.70
N GLU F 72 -22.86 26.87 4.16
CA GLU F 72 -22.79 27.40 2.81
C GLU F 72 -21.62 26.76 2.07
N CYS F 73 -21.66 26.86 0.74
CA CYS F 73 -20.64 26.21 -0.09
C CYS F 73 -19.24 26.72 0.21
N VAL F 74 -18.32 25.79 0.44
CA VAL F 74 -16.92 26.09 0.73
C VAL F 74 -16.05 25.10 -0.05
N VAL F 75 -15.05 25.62 -0.77
CA VAL F 75 -14.10 24.81 -1.53
C VAL F 75 -12.80 24.76 -0.75
N THR F 76 -12.14 23.61 -0.80
CA THR F 76 -10.82 23.41 -0.20
C THR F 76 -9.79 23.38 -1.32
N THR F 77 -8.79 22.49 -1.29
CA THR F 77 -7.81 22.36 -2.36
C THR F 77 -8.50 21.93 -3.66
N THR F 78 -8.00 22.44 -4.78
CA THR F 78 -8.78 22.39 -6.00
C THR F 78 -8.25 21.37 -7.01
N PRO F 79 -9.14 20.81 -7.83
CA PRO F 79 -8.72 19.87 -8.88
C PRO F 79 -7.79 20.53 -9.89
N PRO F 80 -7.17 19.76 -10.79
CA PRO F 80 -6.19 20.34 -11.72
C PRO F 80 -6.79 21.35 -12.70
N THR F 86 -9.19 23.17 -14.40
CA THR F 86 -9.70 24.53 -14.24
C THR F 86 -10.67 24.61 -13.07
N TYR F 87 -11.25 23.47 -12.72
CA TYR F 87 -12.52 23.45 -12.01
C TYR F 87 -12.37 23.76 -10.53
N ARG F 88 -13.45 24.28 -9.95
CA ARG F 88 -13.57 24.52 -8.52
C ARG F 88 -14.91 23.94 -8.08
N PHE F 89 -14.87 22.86 -7.30
CA PHE F 89 -16.06 22.12 -6.93
C PHE F 89 -16.29 22.21 -5.43
N CYS F 90 -17.55 22.29 -5.03
CA CYS F 90 -17.91 22.33 -3.61
C CYS F 90 -19.21 21.57 -3.39
N CYS F 91 -19.52 21.39 -2.10
CA CYS F 91 -20.80 20.84 -1.67
C CYS F 91 -21.17 21.45 -0.34
N CYS F 92 -22.46 21.63 -0.12
CA CYS F 92 -22.97 22.22 1.11
C CYS F 92 -24.30 21.59 1.46
N SER F 93 -24.79 21.90 2.65
CA SER F 93 -25.88 21.14 3.27
C SER F 93 -27.21 21.85 3.32
N THR F 94 -27.23 23.19 3.42
CA THR F 94 -28.48 23.89 3.62
C THR F 94 -29.20 24.14 2.29
N ASP F 95 -30.35 24.81 2.38
CA ASP F 95 -31.15 25.12 1.20
C ASP F 95 -30.51 26.27 0.42
N LEU F 96 -30.29 26.03 -0.88
CA LEU F 96 -29.85 27.04 -1.85
C LEU F 96 -28.44 27.55 -1.59
N CYS F 97 -27.68 26.87 -0.73
CA CYS F 97 -26.34 27.34 -0.37
C CYS F 97 -25.32 27.19 -1.49
N ASN F 98 -25.64 26.42 -2.53
CA ASN F 98 -24.66 26.07 -3.56
C ASN F 98 -24.53 27.13 -4.64
N VAL F 99 -24.83 28.39 -4.31
CA VAL F 99 -24.90 29.43 -5.33
C VAL F 99 -23.59 30.22 -5.37
N ASN F 100 -22.94 30.39 -4.22
CA ASN F 100 -21.70 31.14 -4.13
C ASN F 100 -20.61 30.28 -3.52
N PHE F 101 -19.37 30.52 -3.96
CA PHE F 101 -18.23 29.68 -3.67
C PHE F 101 -17.20 30.42 -2.82
N THR F 102 -16.08 29.75 -2.56
CA THR F 102 -14.96 30.29 -1.80
C THR F 102 -13.70 29.57 -2.27
N GLU F 103 -12.56 30.26 -2.21
CA GLU F 103 -11.31 29.75 -2.76
C GLU F 103 -10.33 29.41 -1.64
N ASN F 104 -9.69 28.23 -1.77
CA ASN F 104 -8.56 27.81 -0.92
C ASN F 104 -7.61 27.00 -1.81
N PHE F 105 -6.90 27.70 -2.68
CA PHE F 105 -6.04 27.06 -3.68
C PHE F 105 -4.70 26.64 -3.08
#